data_9K7X
#
_entry.id   9K7X
#
_cell.length_a   34.614
_cell.length_b   77.562
_cell.length_c   82.814
_cell.angle_alpha   90.00
_cell.angle_beta   92.46
_cell.angle_gamma   90.00
#
_symmetry.space_group_name_H-M   'P 1 21 1'
#
loop_
_entity.id
_entity.type
_entity.pdbx_description
1 polymer C3-Ca1-DN*3-20
2 non-polymer 'CALCIUM ION'
3 non-polymer 2-AMINO-2-HYDROXYMETHYL-PROPANE-1,3-DIOL
4 water water
#
_entity_poly.entity_id   1
_entity_poly.type   'polypeptide(L)'
_entity_poly.pdbx_seq_one_letter_code
;MGHHHHHHHHSSGLEVLFQGPGGTTEEEVVKNMKESLEFIERAKEEGDIELVISLLNLLADVAQLVGGEALEILKKATEL
AKELLEESDEISEKERVQLKTALSQAEVLIDK
;
_entity_poly.pdbx_strand_id   A,B,C,D,E,F
#
# COMPACT_ATOMS: atom_id res chain seq x y z
N THR A 24 0.18 -10.95 -1.19
CA THR A 24 0.36 -9.99 -2.28
C THR A 24 0.47 -10.68 -3.65
N THR A 25 0.20 -9.91 -4.70
CA THR A 25 0.45 -10.34 -6.07
C THR A 25 1.58 -9.50 -6.65
N GLU A 26 2.19 -10.00 -7.73
CA GLU A 26 3.23 -9.22 -8.38
C GLU A 26 2.66 -7.92 -8.93
N GLU A 27 1.41 -7.95 -9.40
CA GLU A 27 0.80 -6.76 -9.96
C GLU A 27 0.59 -5.69 -8.92
N GLU A 28 0.21 -6.10 -7.69
CA GLU A 28 0.10 -5.14 -6.60
C GLU A 28 1.46 -4.55 -6.26
N VAL A 29 2.52 -5.37 -6.29
CA VAL A 29 3.86 -4.87 -5.99
C VAL A 29 4.33 -3.86 -7.04
N VAL A 30 4.09 -4.16 -8.32
CA VAL A 30 4.60 -3.26 -9.34
C VAL A 30 3.83 -1.95 -9.36
N LYS A 31 2.55 -1.98 -8.98
CA LYS A 31 1.81 -0.75 -8.81
C LYS A 31 2.42 0.13 -7.71
N ASN A 32 2.75 -0.47 -6.56
CA ASN A 32 3.40 0.30 -5.51
C ASN A 32 4.76 0.81 -5.97
N MET A 33 5.52 0.00 -6.71
CA MET A 33 6.82 0.44 -7.20
C MET A 33 6.67 1.58 -8.18
N LYS A 34 5.62 1.53 -9.02
CA LYS A 34 5.35 2.59 -9.98
C LYS A 34 5.03 3.90 -9.27
N GLU A 35 4.15 3.83 -8.26
CA GLU A 35 3.83 5.03 -7.49
C GLU A 35 5.08 5.60 -6.83
N SER A 36 5.96 4.72 -6.33
CA SER A 36 7.23 5.17 -5.78
C SER A 36 8.05 5.89 -6.85
N LEU A 37 8.08 5.33 -8.06
CA LEU A 37 8.80 5.97 -9.16
C LEU A 37 8.24 7.35 -9.46
N GLU A 38 6.92 7.49 -9.50
CA GLU A 38 6.31 8.80 -9.73
C GLU A 38 6.70 9.81 -8.65
N PHE A 39 6.78 9.37 -7.39
CA PHE A 39 7.20 10.28 -6.33
C PHE A 39 8.67 10.67 -6.49
N ILE A 40 9.51 9.74 -6.97
CA ILE A 40 10.90 10.07 -7.25
C ILE A 40 11.00 11.12 -8.37
N GLU A 41 10.19 10.98 -9.42
CA GLU A 41 10.18 11.97 -10.51
C GLU A 41 9.88 13.37 -9.98
N ARG A 42 8.87 13.48 -9.11
CA ARG A 42 8.52 14.78 -8.54
C ARG A 42 9.53 15.21 -7.49
N ALA A 43 10.13 14.25 -6.76
CA ALA A 43 11.09 14.61 -5.71
C ALA A 43 12.33 15.22 -6.30
N LYS A 44 12.67 14.84 -7.54
CA LYS A 44 13.82 15.43 -8.22
C LYS A 44 13.57 16.91 -8.49
N GLU A 45 12.35 17.26 -8.92
CA GLU A 45 12.00 18.66 -9.16
C GLU A 45 11.88 19.43 -7.86
N GLU A 46 11.40 18.76 -6.81
CA GLU A 46 11.23 19.36 -5.49
C GLU A 46 12.53 19.51 -4.72
N GLY A 47 13.56 18.75 -5.07
CA GLY A 47 14.72 18.65 -4.22
C GLY A 47 14.52 17.84 -2.96
N ASP A 48 13.54 16.94 -2.93
CA ASP A 48 13.31 16.10 -1.74
C ASP A 48 14.26 14.92 -1.79
N ILE A 49 15.52 15.21 -1.46
CA ILE A 49 16.60 14.23 -1.62
C ILE A 49 16.38 13.03 -0.69
N GLU A 50 15.97 13.29 0.54
CA GLU A 50 15.79 12.21 1.51
C GLU A 50 14.83 11.15 1.01
N LEU A 51 13.70 11.58 0.42
CA LEU A 51 12.72 10.64 -0.09
C LEU A 51 13.27 9.87 -1.27
N VAL A 52 14.13 10.49 -2.08
CA VAL A 52 14.74 9.75 -3.17
C VAL A 52 15.64 8.65 -2.62
N ILE A 53 16.43 8.96 -1.59
CA ILE A 53 17.29 7.95 -0.97
C ILE A 53 16.44 6.82 -0.41
N SER A 54 15.42 7.17 0.38
CA SER A 54 14.59 6.15 1.01
C SER A 54 13.88 5.30 -0.02
N LEU A 55 13.29 5.93 -1.05
CA LEU A 55 12.51 5.16 -2.02
C LEU A 55 13.42 4.35 -2.92
N LEU A 56 14.59 4.88 -3.27
CA LEU A 56 15.50 4.08 -4.08
C LEU A 56 15.97 2.86 -3.31
N ASN A 57 16.23 3.01 -2.02
CA ASN A 57 16.63 1.85 -1.22
C ASN A 57 15.49 0.85 -1.12
N LEU A 58 14.26 1.34 -0.91
CA LEU A 58 13.11 0.45 -0.79
C LEU A 58 12.83 -0.27 -2.11
N LEU A 59 12.88 0.47 -3.22
CA LEU A 59 12.68 -0.16 -4.53
C LEU A 59 13.73 -1.21 -4.80
N ALA A 60 14.98 -0.98 -4.38
CA ALA A 60 16.02 -1.97 -4.65
C ALA A 60 15.84 -3.20 -3.79
N ASP A 61 15.42 -3.01 -2.53
CA ASP A 61 15.08 -4.14 -1.67
C ASP A 61 13.95 -4.97 -2.25
N VAL A 62 12.97 -4.33 -2.89
CA VAL A 62 11.86 -5.07 -3.49
C VAL A 62 12.31 -5.77 -4.76
N ALA A 63 13.06 -5.07 -5.61
CA ALA A 63 13.44 -5.64 -6.91
C ALA A 63 14.41 -6.80 -6.73
N GLN A 64 15.20 -6.79 -5.67
CA GLN A 64 16.11 -7.89 -5.39
C GLN A 64 15.36 -9.16 -5.05
N LEU A 65 14.17 -9.03 -4.46
CA LEU A 65 13.34 -10.20 -4.18
C LEU A 65 12.45 -10.57 -5.36
N VAL A 66 12.05 -9.61 -6.18
CA VAL A 66 11.06 -9.84 -7.22
C VAL A 66 11.70 -10.15 -8.57
N GLY A 67 12.78 -9.46 -8.93
CA GLY A 67 13.33 -9.63 -10.27
C GLY A 67 12.38 -9.11 -11.34
N GLY A 68 12.61 -9.56 -12.57
CA GLY A 68 11.67 -9.32 -13.66
C GLY A 68 11.38 -7.84 -13.89
N GLU A 69 10.09 -7.53 -13.99
CA GLU A 69 9.65 -6.16 -14.29
C GLU A 69 10.00 -5.20 -13.16
N ALA A 70 10.13 -5.70 -11.93
CA ALA A 70 10.56 -4.82 -10.84
C ALA A 70 11.92 -4.21 -11.13
N LEU A 71 12.79 -4.95 -11.84
CA LEU A 71 14.12 -4.42 -12.14
C LEU A 71 14.07 -3.34 -13.20
N GLU A 72 13.11 -3.42 -14.13
CA GLU A 72 12.93 -2.35 -15.11
C GLU A 72 12.49 -1.05 -14.45
N ILE A 73 11.56 -1.14 -13.49
CA ILE A 73 11.16 0.06 -12.75
C ILE A 73 12.35 0.61 -11.96
N LEU A 74 13.11 -0.29 -11.30
CA LEU A 74 14.29 0.15 -10.57
C LEU A 74 15.28 0.86 -11.47
N LYS A 75 15.45 0.36 -12.69
CA LYS A 75 16.30 1.01 -13.69
C LYS A 75 15.87 2.46 -13.94
N LYS A 76 14.56 2.68 -14.10
CA LYS A 76 14.06 4.04 -14.29
C LYS A 76 14.31 4.91 -13.06
N ALA A 77 14.08 4.35 -11.86
CA ALA A 77 14.34 5.11 -10.63
C ALA A 77 15.82 5.43 -10.48
N THR A 78 16.68 4.48 -10.85
CA THR A 78 18.12 4.69 -10.80
C THR A 78 18.56 5.82 -11.72
N GLU A 79 18.02 5.86 -12.94
CA GLU A 79 18.32 6.96 -13.86
C GLU A 79 18.00 8.32 -13.23
N LEU A 80 16.81 8.45 -12.62
CA LEU A 80 16.42 9.73 -12.03
C LEU A 80 17.33 10.11 -10.86
N ALA A 81 17.67 9.14 -10.02
CA ALA A 81 18.53 9.42 -8.87
C ALA A 81 19.92 9.87 -9.33
N LYS A 82 20.45 9.24 -10.39
CA LYS A 82 21.73 9.65 -10.97
C LYS A 82 21.68 11.09 -11.44
N GLU A 83 20.61 11.46 -12.14
CA GLU A 83 20.45 12.83 -12.63
C GLU A 83 20.38 13.82 -11.47
N LEU A 84 19.54 13.51 -10.47
CA LEU A 84 19.51 14.32 -9.26
C LEU A 84 20.90 14.47 -8.64
N LEU A 85 21.66 13.38 -8.59
CA LEU A 85 22.98 13.43 -7.99
C LEU A 85 23.94 14.33 -8.77
N GLU A 86 23.78 14.40 -10.09
CA GLU A 86 24.64 15.22 -10.94
C GLU A 86 24.14 16.66 -11.07
N GLU A 87 22.82 16.86 -11.10
CA GLU A 87 22.26 18.17 -11.42
C GLU A 87 21.94 19.02 -10.20
N SER A 88 21.79 18.42 -9.02
CA SER A 88 21.35 19.20 -7.87
C SER A 88 22.51 20.01 -7.28
N ASP A 89 22.20 21.26 -6.91
CA ASP A 89 23.12 22.09 -6.14
C ASP A 89 22.71 22.20 -4.68
N GLU A 90 21.67 21.47 -4.27
CA GLU A 90 21.18 21.53 -2.90
C GLU A 90 21.64 20.36 -2.06
N ILE A 91 22.17 19.32 -2.67
CA ILE A 91 22.39 18.06 -1.96
C ILE A 91 23.57 18.22 -1.02
N SER A 92 23.38 17.86 0.25
CA SER A 92 24.42 17.93 1.25
C SER A 92 25.40 16.77 1.10
N GLU A 93 26.52 16.86 1.82
CA GLU A 93 27.52 15.80 1.74
C GLU A 93 27.00 14.51 2.35
N LYS A 94 26.19 14.61 3.42
CA LYS A 94 25.58 13.42 4.00
C LYS A 94 24.60 12.77 3.03
N GLU A 95 23.80 13.59 2.33
CA GLU A 95 22.84 13.02 1.39
C GLU A 95 23.53 12.44 0.18
N ARG A 96 24.63 13.07 -0.27
CA ARG A 96 25.38 12.53 -1.40
C ARG A 96 25.91 11.13 -1.10
N VAL A 97 26.48 10.93 0.08
CA VAL A 97 27.09 9.63 0.36
C VAL A 97 26.02 8.55 0.51
N GLN A 98 24.87 8.91 1.10
CA GLN A 98 23.76 7.95 1.20
C GLN A 98 23.18 7.63 -0.17
N LEU A 99 22.99 8.65 -1.01
CA LEU A 99 22.41 8.43 -2.32
C LEU A 99 23.33 7.59 -3.18
N LYS A 100 24.65 7.80 -3.09
CA LYS A 100 25.55 7.03 -3.91
C LYS A 100 25.61 5.57 -3.44
N THR A 101 25.48 5.35 -2.13
CA THR A 101 25.43 3.97 -1.62
C THR A 101 24.17 3.26 -2.08
N ALA A 102 23.01 3.93 -2.00
CA ALA A 102 21.77 3.37 -2.55
C ALA A 102 21.90 3.14 -4.05
N LEU A 103 22.54 4.05 -4.77
CA LEU A 103 22.78 3.85 -6.19
C LEU A 103 23.62 2.60 -6.44
N SER A 104 24.65 2.37 -5.59
CA SER A 104 25.48 1.18 -5.74
C SER A 104 24.64 -0.10 -5.62
N GLN A 105 23.72 -0.15 -4.66
CA GLN A 105 22.88 -1.34 -4.55
C GLN A 105 22.07 -1.55 -5.82
N ALA A 106 21.45 -0.47 -6.32
CA ALA A 106 20.63 -0.57 -7.53
C ALA A 106 21.47 -0.94 -8.74
N GLU A 107 22.63 -0.30 -8.90
CA GLU A 107 23.45 -0.56 -10.08
C GLU A 107 23.91 -2.00 -10.12
N VAL A 108 24.23 -2.58 -8.96
CA VAL A 108 24.63 -3.99 -8.91
C VAL A 108 23.47 -4.88 -9.30
N LEU A 109 22.24 -4.50 -8.93
CA LEU A 109 21.07 -5.31 -9.27
C LEU A 109 20.68 -5.17 -10.75
N ILE A 110 20.81 -3.99 -11.34
CA ILE A 110 20.34 -3.76 -12.70
C ILE A 110 21.44 -4.02 -13.72
N ASP A 111 22.56 -4.59 -13.28
CA ASP A 111 23.65 -4.86 -14.21
C ASP A 111 23.50 -6.24 -14.87
N THR B 24 -28.64 15.98 -26.31
CA THR B 24 -27.31 16.40 -25.88
C THR B 24 -26.24 15.53 -26.50
N THR B 25 -25.61 16.05 -27.55
CA THR B 25 -24.46 15.38 -28.15
C THR B 25 -23.36 15.10 -27.12
N GLU B 26 -23.31 15.87 -26.03
CA GLU B 26 -22.28 15.63 -25.03
C GLU B 26 -22.52 14.33 -24.27
N GLU B 27 -23.78 13.93 -24.10
CA GLU B 27 -24.04 12.66 -23.42
C GLU B 27 -23.73 11.48 -24.33
N GLU B 28 -24.01 11.61 -25.62
CA GLU B 28 -23.53 10.61 -26.57
C GLU B 28 -22.02 10.52 -26.56
N VAL B 29 -21.34 11.68 -26.50
CA VAL B 29 -19.88 11.69 -26.43
C VAL B 29 -19.41 10.89 -25.22
N VAL B 30 -20.04 11.12 -24.07
CA VAL B 30 -19.62 10.44 -22.84
C VAL B 30 -19.87 8.95 -22.94
N LYS B 31 -21.00 8.57 -23.56
CA LYS B 31 -21.32 7.15 -23.72
C LYS B 31 -20.33 6.44 -24.64
N ASN B 32 -19.98 7.07 -25.77
CA ASN B 32 -18.92 6.52 -26.61
C ASN B 32 -17.61 6.38 -25.83
N MET B 33 -17.27 7.41 -25.02
CA MET B 33 -16.01 7.36 -24.26
C MET B 33 -16.00 6.22 -23.26
N LYS B 34 -17.14 5.99 -22.61
CA LYS B 34 -17.22 4.88 -21.65
C LYS B 34 -17.07 3.54 -22.35
N GLU B 35 -17.62 3.41 -23.56
CA GLU B 35 -17.40 2.19 -24.32
C GLU B 35 -15.95 2.06 -24.78
N SER B 36 -15.31 3.17 -25.14
CA SER B 36 -13.89 3.13 -25.43
C SER B 36 -13.11 2.66 -24.21
N LEU B 37 -13.46 3.15 -23.03
CA LEU B 37 -12.75 2.72 -21.82
C LEU B 37 -12.87 1.21 -21.61
N GLU B 38 -14.06 0.64 -21.86
CA GLU B 38 -14.22 -0.80 -21.74
C GLU B 38 -13.32 -1.54 -22.71
N PHE B 39 -13.18 -1.02 -23.93
CA PHE B 39 -12.33 -1.69 -24.91
C PHE B 39 -10.85 -1.54 -24.56
N ILE B 40 -10.46 -0.44 -23.93
CA ILE B 40 -9.07 -0.30 -23.49
C ILE B 40 -8.73 -1.40 -22.50
N GLU B 41 -9.62 -1.63 -21.53
CA GLU B 41 -9.37 -2.64 -20.51
C GLU B 41 -9.34 -4.03 -21.12
N ARG B 42 -10.18 -4.27 -22.13
CA ARG B 42 -10.15 -5.53 -22.87
C ARG B 42 -8.87 -5.67 -23.67
N ALA B 43 -8.51 -4.62 -24.42
CA ALA B 43 -7.29 -4.65 -25.23
C ALA B 43 -6.07 -4.89 -24.36
N LYS B 44 -6.03 -4.29 -23.17
CA LYS B 44 -4.91 -4.51 -22.27
C LYS B 44 -4.79 -5.97 -21.88
N GLU B 45 -5.91 -6.60 -21.53
CA GLU B 45 -5.88 -8.01 -21.15
C GLU B 45 -5.57 -8.91 -22.34
N GLU B 46 -5.99 -8.52 -23.54
CA GLU B 46 -5.75 -9.31 -24.74
C GLU B 46 -4.42 -8.99 -25.42
N GLY B 47 -3.67 -8.03 -24.90
CA GLY B 47 -2.38 -7.70 -25.51
C GLY B 47 -2.44 -6.90 -26.78
N ASP B 48 -3.58 -6.28 -27.09
CA ASP B 48 -3.69 -5.40 -28.25
C ASP B 48 -3.23 -4.01 -27.82
N ILE B 49 -1.91 -3.84 -27.77
CA ILE B 49 -1.34 -2.60 -27.25
C ILE B 49 -1.61 -1.43 -28.19
N GLU B 50 -1.60 -1.69 -29.50
CA GLU B 50 -1.86 -0.59 -30.44
C GLU B 50 -3.26 -0.04 -30.25
N LEU B 51 -4.22 -0.91 -29.94
CA LEU B 51 -5.57 -0.42 -29.66
C LEU B 51 -5.61 0.39 -28.36
N VAL B 52 -4.83 -0.02 -27.33
CA VAL B 52 -4.76 0.80 -26.12
C VAL B 52 -4.23 2.19 -26.46
N ILE B 53 -3.15 2.25 -27.25
CA ILE B 53 -2.55 3.54 -27.56
C ILE B 53 -3.53 4.41 -28.34
N SER B 54 -4.20 3.82 -29.34
CA SER B 54 -5.09 4.59 -30.19
C SER B 54 -6.27 5.15 -29.40
N LEU B 55 -6.93 4.29 -28.61
CA LEU B 55 -8.10 4.73 -27.86
C LEU B 55 -7.72 5.72 -26.77
N LEU B 56 -6.55 5.53 -26.13
CA LEU B 56 -6.12 6.52 -25.13
C LEU B 56 -5.94 7.90 -25.78
N ASN B 57 -5.31 7.93 -26.95
CA ASN B 57 -5.11 9.21 -27.63
C ASN B 57 -6.45 9.81 -28.10
N LEU B 58 -7.32 8.98 -28.67
CA LEU B 58 -8.66 9.43 -29.05
C LEU B 58 -9.46 9.96 -27.85
N LEU B 59 -9.38 9.26 -26.72
CA LEU B 59 -10.07 9.69 -25.50
C LEU B 59 -9.56 11.05 -25.02
N ALA B 60 -8.24 11.25 -25.06
CA ALA B 60 -7.68 12.53 -24.66
C ALA B 60 -8.07 13.64 -25.62
N ASP B 61 -8.08 13.34 -26.93
CA ASP B 61 -8.53 14.31 -27.93
C ASP B 61 -9.94 14.81 -27.64
N VAL B 62 -10.81 13.90 -27.19
CA VAL B 62 -12.21 14.23 -26.88
C VAL B 62 -12.32 14.94 -25.54
N ALA B 63 -11.64 14.41 -24.51
CA ALA B 63 -11.80 14.98 -23.18
C ALA B 63 -11.33 16.43 -23.12
N GLN B 64 -10.35 16.81 -23.95
CA GLN B 64 -9.91 18.19 -23.93
C GLN B 64 -10.99 19.15 -24.42
N LEU B 65 -11.89 18.67 -25.28
CA LEU B 65 -12.95 19.50 -25.83
C LEU B 65 -14.23 19.48 -25.00
N VAL B 66 -14.44 18.45 -24.19
CA VAL B 66 -15.70 18.30 -23.49
C VAL B 66 -15.55 18.49 -21.99
N GLY B 67 -14.44 18.08 -21.39
CA GLY B 67 -14.33 18.28 -19.98
C GLY B 67 -15.28 17.41 -19.16
N GLY B 68 -15.43 17.77 -17.90
CA GLY B 68 -16.47 17.14 -17.08
C GLY B 68 -16.25 15.64 -16.92
N GLU B 69 -17.32 14.87 -17.15
CA GLU B 69 -17.22 13.43 -17.00
C GLU B 69 -16.21 12.83 -17.97
N ALA B 70 -15.94 13.50 -19.10
CA ALA B 70 -14.91 13.02 -20.02
C ALA B 70 -13.56 12.88 -19.32
N LEU B 71 -13.22 13.82 -18.46
CA LEU B 71 -11.97 13.74 -17.70
C LEU B 71 -11.95 12.55 -16.75
N GLU B 72 -13.10 12.26 -16.15
CA GLU B 72 -13.15 11.11 -15.25
C GLU B 72 -12.84 9.83 -16.03
N ILE B 73 -13.42 9.70 -17.23
CA ILE B 73 -13.14 8.54 -18.05
C ILE B 73 -11.68 8.53 -18.48
N LEU B 74 -11.16 9.70 -18.85
CA LEU B 74 -9.74 9.79 -19.25
C LEU B 74 -8.82 9.36 -18.11
N LYS B 75 -9.10 9.80 -16.88
CA LYS B 75 -8.27 9.39 -15.74
C LYS B 75 -8.23 7.87 -15.58
N LYS B 76 -9.37 7.20 -15.73
CA LYS B 76 -9.38 5.75 -15.51
C LYS B 76 -8.60 5.04 -16.60
N ALA B 77 -8.80 5.45 -17.85
CA ALA B 77 -8.03 4.92 -18.95
C ALA B 77 -6.55 5.18 -18.74
N THR B 78 -6.21 6.36 -18.23
CA THR B 78 -4.82 6.71 -17.94
C THR B 78 -4.24 5.77 -16.88
N GLU B 79 -5.03 5.46 -15.85
CA GLU B 79 -4.58 4.51 -14.83
C GLU B 79 -4.25 3.15 -15.45
N LEU B 80 -5.14 2.65 -16.32
CA LEU B 80 -4.92 1.38 -17.00
C LEU B 80 -3.65 1.42 -17.84
N ALA B 81 -3.49 2.49 -18.63
CA ALA B 81 -2.35 2.57 -19.54
C ALA B 81 -1.04 2.70 -18.77
N LYS B 82 -1.05 3.42 -17.65
CA LYS B 82 0.15 3.58 -16.83
C LYS B 82 0.60 2.23 -16.27
N GLU B 83 -0.35 1.43 -15.79
CA GLU B 83 -0.03 0.08 -15.34
C GLU B 83 0.62 -0.71 -16.47
N LEU B 84 0.01 -0.63 -17.66
CA LEU B 84 0.51 -1.37 -18.82
C LEU B 84 1.91 -0.93 -19.20
N LEU B 85 2.18 0.38 -19.09
CA LEU B 85 3.48 0.91 -19.50
C LEU B 85 4.61 0.22 -18.77
N GLU B 86 4.42 -0.05 -17.48
CA GLU B 86 5.46 -0.66 -16.66
C GLU B 86 5.51 -2.17 -16.81
N GLU B 87 4.58 -2.79 -17.57
CA GLU B 87 4.69 -4.21 -17.90
C GLU B 87 5.53 -4.35 -19.17
N SER B 88 6.85 -4.21 -18.99
CA SER B 88 7.76 -4.20 -20.13
C SER B 88 7.76 -5.51 -20.89
N ASP B 89 7.42 -6.62 -20.22
CA ASP B 89 7.28 -7.92 -20.87
C ASP B 89 6.06 -8.01 -21.77
N GLU B 90 5.19 -6.98 -21.79
CA GLU B 90 3.97 -7.05 -22.58
C GLU B 90 3.96 -6.07 -23.74
N ILE B 91 4.97 -5.21 -23.87
CA ILE B 91 4.94 -4.15 -24.87
C ILE B 91 6.27 -4.13 -25.61
N SER B 92 6.19 -3.89 -26.91
CA SER B 92 7.40 -3.70 -27.69
C SER B 92 7.96 -2.31 -27.43
N GLU B 93 9.18 -2.08 -27.92
CA GLU B 93 9.79 -0.77 -27.75
C GLU B 93 9.01 0.32 -28.49
N LYS B 94 8.58 0.04 -29.72
CA LYS B 94 7.79 1.02 -30.47
C LYS B 94 6.46 1.28 -29.77
N GLU B 95 5.82 0.23 -29.26
CA GLU B 95 4.58 0.42 -28.49
C GLU B 95 4.82 1.26 -27.25
N ARG B 96 5.90 0.95 -26.51
CA ARG B 96 6.25 1.69 -25.30
C ARG B 96 6.37 3.20 -25.53
N VAL B 97 7.12 3.59 -26.56
CA VAL B 97 7.36 5.02 -26.75
C VAL B 97 6.07 5.74 -27.17
N GLN B 98 5.27 5.11 -28.02
CA GLN B 98 3.96 5.68 -28.38
C GLN B 98 3.06 5.78 -27.15
N LEU B 99 3.02 4.72 -26.33
CA LEU B 99 2.19 4.73 -25.14
C LEU B 99 2.63 5.81 -24.17
N LYS B 100 3.94 5.98 -23.97
CA LYS B 100 4.42 7.04 -23.08
C LYS B 100 4.03 8.41 -23.59
N THR B 101 4.04 8.60 -24.92
CA THR B 101 3.70 9.91 -25.48
C THR B 101 2.23 10.20 -25.33
N ALA B 102 1.37 9.22 -25.64
CA ALA B 102 -0.05 9.38 -25.38
C ALA B 102 -0.34 9.58 -23.90
N LEU B 103 0.39 8.88 -23.02
CA LEU B 103 0.20 9.08 -21.58
C LEU B 103 0.58 10.50 -21.16
N SER B 104 1.63 11.07 -21.76
CA SER B 104 1.99 12.44 -21.44
C SER B 104 0.83 13.36 -21.74
N GLN B 105 0.25 13.25 -22.94
CA GLN B 105 -0.89 14.09 -23.29
C GLN B 105 -2.01 13.92 -22.27
N ALA B 106 -2.31 12.67 -21.89
CA ALA B 106 -3.37 12.40 -20.94
C ALA B 106 -3.09 13.04 -19.58
N GLU B 107 -1.87 12.85 -19.07
CA GLU B 107 -1.58 13.31 -17.71
C GLU B 107 -1.53 14.82 -17.63
N VAL B 108 -0.99 15.48 -18.66
CA VAL B 108 -1.01 16.95 -18.68
C VAL B 108 -2.44 17.45 -18.73
N LEU B 109 -3.27 16.81 -19.54
CA LEU B 109 -4.68 17.16 -19.61
C LEU B 109 -5.37 16.96 -18.27
N ILE B 110 -5.11 15.83 -17.60
CA ILE B 110 -5.76 15.56 -16.32
C ILE B 110 -5.34 16.60 -15.28
N ASP B 111 -4.15 17.17 -15.42
CA ASP B 111 -3.59 18.11 -14.46
C ASP B 111 -4.09 19.54 -14.67
N LYS B 112 -4.78 19.83 -15.77
CA LYS B 112 -5.25 21.19 -16.03
C LYS B 112 -6.42 21.58 -15.12
N THR C 24 -36.82 -7.20 -14.90
CA THR C 24 -35.74 -6.43 -15.47
C THR C 24 -34.78 -7.31 -16.26
N THR C 25 -34.06 -6.73 -17.21
CA THR C 25 -33.14 -7.48 -18.04
C THR C 25 -31.76 -7.49 -17.40
N GLU C 26 -31.00 -8.56 -17.66
CA GLU C 26 -29.65 -8.64 -17.13
C GLU C 26 -28.81 -7.45 -17.59
N GLU C 27 -28.98 -7.01 -18.84
CA GLU C 27 -28.23 -5.86 -19.30
C GLU C 27 -28.58 -4.61 -18.51
N GLU C 28 -29.86 -4.44 -18.17
CA GLU C 28 -30.24 -3.29 -17.37
C GLU C 28 -29.61 -3.37 -15.98
N VAL C 29 -29.57 -4.57 -15.40
CA VAL C 29 -28.92 -4.74 -14.10
C VAL C 29 -27.45 -4.38 -14.18
N VAL C 30 -26.76 -4.87 -15.22
CA VAL C 30 -25.34 -4.59 -15.40
C VAL C 30 -25.10 -3.10 -15.62
N LYS C 31 -25.89 -2.47 -16.50
CA LYS C 31 -25.76 -1.03 -16.71
C LYS C 31 -25.94 -0.25 -15.40
N ASN C 32 -26.92 -0.63 -14.58
CA ASN C 32 -27.09 0.00 -13.27
C ASN C 32 -25.84 -0.17 -12.41
N MET C 33 -25.31 -1.38 -12.36
CA MET C 33 -24.14 -1.64 -11.52
C MET C 33 -22.93 -0.87 -12.01
N LYS C 34 -22.81 -0.71 -13.34
CA LYS C 34 -21.71 0.07 -13.89
C LYS C 34 -21.81 1.54 -13.48
N GLU C 35 -23.03 2.10 -13.44
CA GLU C 35 -23.13 3.48 -12.98
C GLU C 35 -22.81 3.59 -11.50
N SER C 36 -23.21 2.59 -10.72
CA SER C 36 -22.83 2.59 -9.30
C SER C 36 -21.32 2.59 -9.13
N LEU C 37 -20.63 1.80 -9.95
CA LEU C 37 -19.17 1.78 -9.91
C LEU C 37 -18.60 3.16 -10.26
N GLU C 38 -19.19 3.82 -11.25
CA GLU C 38 -18.75 5.18 -11.58
C GLU C 38 -18.95 6.13 -10.42
N PHE C 39 -20.06 5.99 -9.69
CA PHE C 39 -20.30 6.87 -8.55
C PHE C 39 -19.39 6.53 -7.39
N ILE C 40 -18.99 5.26 -7.27
CA ILE C 40 -18.03 4.86 -6.25
C ILE C 40 -16.65 5.47 -6.52
N GLU C 41 -16.20 5.45 -7.78
CA GLU C 41 -14.92 6.07 -8.12
C GLU C 41 -14.94 7.54 -7.77
N ARG C 42 -15.99 8.24 -8.19
CA ARG C 42 -16.13 9.65 -7.89
C ARG C 42 -16.19 9.90 -6.39
N ALA C 43 -16.98 9.09 -5.68
CA ALA C 43 -17.10 9.27 -4.23
C ALA C 43 -15.75 9.06 -3.55
N LYS C 44 -14.95 8.12 -4.07
CA LYS C 44 -13.63 7.87 -3.50
C LYS C 44 -12.73 9.10 -3.63
N GLU C 45 -12.66 9.67 -4.82
CA GLU C 45 -11.79 10.83 -5.02
C GLU C 45 -12.33 12.07 -4.31
N GLU C 46 -13.64 12.20 -4.19
CA GLU C 46 -14.21 13.35 -3.50
C GLU C 46 -14.30 13.15 -1.99
N GLY C 47 -13.92 11.99 -1.48
CA GLY C 47 -13.93 11.77 -0.05
C GLY C 47 -15.27 11.42 0.56
N ASP C 48 -16.27 11.07 -0.25
CA ASP C 48 -17.62 10.75 0.24
C ASP C 48 -17.65 9.27 0.66
N ILE C 49 -17.07 9.01 1.84
CA ILE C 49 -16.90 7.62 2.31
C ILE C 49 -18.23 6.92 2.48
N GLU C 50 -19.23 7.63 3.00
CA GLU C 50 -20.54 7.04 3.25
C GLU C 50 -21.18 6.53 1.97
N LEU C 51 -21.10 7.31 0.89
CA LEU C 51 -21.63 6.82 -0.37
C LEU C 51 -20.87 5.57 -0.84
N VAL C 52 -19.56 5.54 -0.62
CA VAL C 52 -18.78 4.36 -1.01
C VAL C 52 -19.27 3.13 -0.26
N ILE C 53 -19.45 3.25 1.06
CA ILE C 53 -19.93 2.13 1.87
C ILE C 53 -21.29 1.66 1.37
N SER C 54 -22.21 2.60 1.17
CA SER C 54 -23.56 2.24 0.77
C SER C 54 -23.57 1.58 -0.61
N LEU C 55 -22.85 2.16 -1.59
CA LEU C 55 -22.86 1.58 -2.93
C LEU C 55 -22.11 0.26 -2.99
N LEU C 56 -21.01 0.12 -2.23
CA LEU C 56 -20.34 -1.18 -2.18
C LEU C 56 -21.27 -2.24 -1.62
N ASN C 57 -21.98 -1.92 -0.55
CA ASN C 57 -22.90 -2.91 0.03
C ASN C 57 -24.04 -3.23 -0.93
N LEU C 58 -24.61 -2.21 -1.58
CA LEU C 58 -25.72 -2.44 -2.52
C LEU C 58 -25.26 -3.30 -3.68
N LEU C 59 -24.07 -3.03 -4.22
CA LEU C 59 -23.51 -3.83 -5.31
C LEU C 59 -23.32 -5.28 -4.92
N ALA C 60 -22.78 -5.54 -3.72
CA ALA C 60 -22.67 -6.91 -3.25
C ALA C 60 -24.04 -7.58 -3.16
N ASP C 61 -25.05 -6.85 -2.68
CA ASP C 61 -26.40 -7.41 -2.56
C ASP C 61 -26.92 -7.86 -3.93
N VAL C 62 -26.71 -7.04 -4.96
CA VAL C 62 -27.14 -7.41 -6.31
C VAL C 62 -26.30 -8.56 -6.85
N ALA C 63 -24.98 -8.45 -6.69
CA ALA C 63 -24.07 -9.45 -7.26
C ALA C 63 -24.33 -10.83 -6.69
N GLN C 64 -24.78 -10.90 -5.44
CA GLN C 64 -25.05 -12.19 -4.80
C GLN C 64 -26.21 -12.90 -5.46
N LEU C 65 -27.14 -12.15 -6.01
CA LEU C 65 -28.30 -12.74 -6.67
C LEU C 65 -28.08 -13.04 -8.14
N VAL C 66 -27.28 -12.25 -8.87
CA VAL C 66 -27.23 -12.40 -10.32
C VAL C 66 -25.91 -13.02 -10.81
N GLY C 67 -24.81 -12.84 -10.08
CA GLY C 67 -23.55 -13.39 -10.58
C GLY C 67 -23.13 -12.79 -11.91
N GLY C 68 -22.39 -13.57 -12.69
CA GLY C 68 -22.01 -13.10 -14.01
C GLY C 68 -21.18 -11.83 -13.98
N GLU C 69 -21.47 -10.91 -14.91
CA GLU C 69 -20.72 -9.66 -14.98
C GLU C 69 -20.82 -8.85 -13.68
N ALA C 70 -21.91 -9.04 -12.93
CA ALA C 70 -22.06 -8.36 -11.64
C ALA C 70 -20.85 -8.58 -10.75
N LEU C 71 -20.36 -9.82 -10.69
CA LEU C 71 -19.22 -10.12 -9.82
C LEU C 71 -17.96 -9.40 -10.30
N GLU C 72 -17.78 -9.31 -11.61
CA GLU C 72 -16.66 -8.57 -12.16
C GLU C 72 -16.73 -7.10 -11.76
N ILE C 73 -17.93 -6.52 -11.80
CA ILE C 73 -18.06 -5.14 -11.39
C ILE C 73 -17.79 -5.02 -9.89
N LEU C 74 -18.37 -5.94 -9.10
CA LEU C 74 -18.06 -6.00 -7.67
C LEU C 74 -16.56 -6.10 -7.41
N LYS C 75 -15.84 -6.87 -8.22
CA LYS C 75 -14.39 -6.97 -8.09
C LYS C 75 -13.71 -5.61 -8.21
N LYS C 76 -14.12 -4.80 -9.20
CA LYS C 76 -13.52 -3.48 -9.37
C LYS C 76 -13.86 -2.55 -8.22
N ALA C 77 -15.12 -2.57 -7.78
CA ALA C 77 -15.51 -1.76 -6.63
C ALA C 77 -14.75 -2.16 -5.39
N THR C 78 -14.49 -3.46 -5.23
CA THR C 78 -13.75 -3.93 -4.05
C THR C 78 -12.32 -3.40 -4.07
N GLU C 79 -11.64 -3.49 -5.21
CA GLU C 79 -10.27 -2.97 -5.26
C GLU C 79 -10.25 -1.45 -5.13
N LEU C 80 -11.32 -0.77 -5.57
CA LEU C 80 -11.42 0.67 -5.32
C LEU C 80 -11.54 0.96 -3.84
N ALA C 81 -12.39 0.19 -3.14
CA ALA C 81 -12.62 0.44 -1.72
C ALA C 81 -11.39 0.11 -0.91
N LYS C 82 -10.66 -0.95 -1.28
CA LYS C 82 -9.42 -1.28 -0.61
C LYS C 82 -8.42 -0.15 -0.74
N GLU C 83 -8.35 0.46 -1.94
CA GLU C 83 -7.42 1.58 -2.14
C GLU C 83 -7.84 2.79 -1.34
N LEU C 84 -9.15 3.05 -1.27
CA LEU C 84 -9.66 4.16 -0.47
C LEU C 84 -9.18 4.04 0.97
N LEU C 85 -9.16 2.81 1.47
CA LEU C 85 -8.77 2.57 2.84
C LEU C 85 -7.30 2.87 3.08
N GLU C 86 -6.46 2.56 2.11
CA GLU C 86 -5.04 2.82 2.25
C GLU C 86 -4.69 4.29 1.97
N GLU C 87 -5.30 4.91 0.95
CA GLU C 87 -4.89 6.24 0.51
C GLU C 87 -5.58 7.39 1.24
N SER C 88 -6.83 7.23 1.65
CA SER C 88 -7.56 8.39 2.15
C SER C 88 -7.08 8.79 3.54
N ASP C 89 -6.92 10.10 3.72
CA ASP C 89 -6.55 10.67 5.01
C ASP C 89 -7.74 11.06 5.87
N GLU C 90 -8.96 11.04 5.32
CA GLU C 90 -10.11 11.50 6.08
C GLU C 90 -11.20 10.44 6.16
N ILE C 91 -10.87 9.26 6.71
CA ILE C 91 -11.83 8.23 7.04
C ILE C 91 -11.93 8.19 8.55
N SER C 92 -13.13 8.40 9.09
CA SER C 92 -13.29 8.28 10.53
C SER C 92 -13.14 6.81 10.94
N GLU C 93 -12.99 6.60 12.24
CA GLU C 93 -12.90 5.23 12.74
C GLU C 93 -14.19 4.47 12.46
N LYS C 94 -15.34 5.12 12.64
CA LYS C 94 -16.62 4.46 12.40
C LYS C 94 -16.82 4.18 10.92
N GLU C 95 -16.35 5.08 10.06
CA GLU C 95 -16.41 4.84 8.62
C GLU C 95 -15.51 3.69 8.22
N ARG C 96 -14.31 3.61 8.82
CA ARG C 96 -13.40 2.55 8.46
C ARG C 96 -13.95 1.18 8.83
N VAL C 97 -14.57 1.05 10.01
CA VAL C 97 -15.08 -0.27 10.39
C VAL C 97 -16.23 -0.68 9.49
N GLN C 98 -17.10 0.26 9.12
CA GLN C 98 -18.18 -0.06 8.19
C GLN C 98 -17.64 -0.52 6.84
N LEU C 99 -16.71 0.25 6.26
CA LEU C 99 -16.16 -0.11 4.96
C LEU C 99 -15.48 -1.48 5.00
N LYS C 100 -14.82 -1.81 6.11
CA LYS C 100 -14.17 -3.12 6.23
C LYS C 100 -15.19 -4.25 6.28
N THR C 101 -16.35 -4.00 6.92
CA THR C 101 -17.40 -5.01 6.93
C THR C 101 -17.97 -5.19 5.53
N ALA C 102 -18.30 -4.09 4.85
CA ALA C 102 -18.75 -4.19 3.46
C ALA C 102 -17.69 -4.86 2.58
N LEU C 103 -16.42 -4.55 2.81
CA LEU C 103 -15.36 -5.19 2.04
C LEU C 103 -15.37 -6.70 2.27
N SER C 104 -15.64 -7.13 3.50
CA SER C 104 -15.63 -8.57 3.79
C SER C 104 -16.76 -9.28 3.07
N GLN C 105 -17.95 -8.66 2.99
CA GLN C 105 -19.02 -9.24 2.19
C GLN C 105 -18.58 -9.42 0.75
N ALA C 106 -18.01 -8.37 0.15
CA ALA C 106 -17.65 -8.41 -1.26
C ALA C 106 -16.56 -9.44 -1.54
N GLU C 107 -15.55 -9.50 -0.66
CA GLU C 107 -14.46 -10.46 -0.86
C GLU C 107 -14.96 -11.90 -0.72
N VAL C 108 -15.82 -12.16 0.26
CA VAL C 108 -16.40 -13.50 0.36
C VAL C 108 -17.15 -13.83 -0.92
N LEU C 109 -17.90 -12.86 -1.45
CA LEU C 109 -18.65 -13.10 -2.68
C LEU C 109 -17.72 -13.38 -3.86
N ILE C 110 -16.59 -12.67 -3.96
CA ILE C 110 -15.79 -12.80 -5.17
C ILE C 110 -14.87 -14.02 -5.07
N ASP C 111 -15.07 -14.84 -4.05
CA ASP C 111 -14.38 -16.12 -3.93
C ASP C 111 -15.30 -17.32 -4.05
N LYS C 112 -16.60 -17.10 -4.25
CA LYS C 112 -17.54 -18.21 -4.41
C LYS C 112 -17.57 -18.70 -5.87
N GLY D 23 31.07 -14.03 15.87
CA GLY D 23 30.06 -13.18 15.26
C GLY D 23 28.77 -13.11 16.07
N THR D 24 27.65 -12.98 15.38
CA THR D 24 26.36 -12.90 16.04
C THR D 24 25.72 -14.28 16.12
N THR D 25 24.76 -14.42 17.02
CA THR D 25 24.00 -15.66 17.17
C THR D 25 22.55 -15.43 16.78
N GLU D 26 21.89 -16.51 16.35
CA GLU D 26 20.49 -16.40 15.94
C GLU D 26 19.59 -15.99 17.09
N GLU D 27 19.91 -16.39 18.33
CA GLU D 27 19.08 -15.98 19.46
C GLU D 27 19.25 -14.50 19.73
N GLU D 28 20.47 -13.97 19.59
CA GLU D 28 20.68 -12.53 19.71
C GLU D 28 19.95 -11.77 18.61
N VAL D 29 19.92 -12.32 17.39
CA VAL D 29 19.20 -11.68 16.30
C VAL D 29 17.69 -11.77 16.53
N VAL D 30 17.19 -12.94 16.93
CA VAL D 30 15.77 -13.08 17.23
C VAL D 30 15.37 -12.14 18.37
N LYS D 31 16.22 -12.01 19.38
CA LYS D 31 15.95 -11.08 20.47
C LYS D 31 15.75 -9.66 19.96
N ASN D 32 16.71 -9.18 19.16
CA ASN D 32 16.62 -7.83 18.60
C ASN D 32 15.37 -7.69 17.73
N MET D 33 14.98 -8.75 17.03
CA MET D 33 13.82 -8.69 16.16
C MET D 33 12.53 -8.58 16.97
N LYS D 34 12.47 -9.28 18.11
CA LYS D 34 11.31 -9.16 18.98
C LYS D 34 11.19 -7.75 19.55
N GLU D 35 12.31 -7.14 19.96
CA GLU D 35 12.24 -5.78 20.49
C GLU D 35 11.80 -4.79 19.41
N SER D 36 12.32 -4.92 18.20
CA SER D 36 11.83 -4.13 17.07
C SER D 36 10.33 -4.24 16.92
N LEU D 37 9.79 -5.46 16.98
CA LEU D 37 8.35 -5.62 16.84
C LEU D 37 7.59 -4.91 17.97
N GLU D 38 8.08 -4.99 19.21
CA GLU D 38 7.48 -4.20 20.30
C GLU D 38 7.49 -2.71 19.97
N PHE D 39 8.60 -2.20 19.43
CA PHE D 39 8.64 -0.78 19.10
C PHE D 39 7.73 -0.44 17.94
N ILE D 40 7.51 -1.38 17.01
CA ILE D 40 6.60 -1.14 15.90
C ILE D 40 5.16 -0.99 16.40
N GLU D 41 4.72 -1.92 17.25
CA GLU D 41 3.35 -1.85 17.77
C GLU D 41 3.13 -0.57 18.54
N ARG D 42 4.13 -0.14 19.31
CA ARG D 42 4.02 1.12 20.04
C ARG D 42 3.97 2.29 19.07
N ALA D 43 4.83 2.27 18.05
CA ALA D 43 4.81 3.34 17.06
C ALA D 43 3.50 3.39 16.31
N LYS D 44 2.88 2.22 16.10
CA LYS D 44 1.57 2.18 15.46
C LYS D 44 0.53 2.93 16.30
N GLU D 45 0.52 2.73 17.62
CA GLU D 45 -0.49 3.45 18.40
C GLU D 45 -0.07 4.86 18.76
N GLU D 46 1.22 5.21 18.64
CA GLU D 46 1.63 6.60 18.77
C GLU D 46 1.64 7.34 17.44
N GLY D 47 1.35 6.66 16.33
CA GLY D 47 1.33 7.30 15.03
C GLY D 47 2.70 7.63 14.48
N ASP D 48 3.76 7.01 14.99
CA ASP D 48 5.13 7.28 14.55
C ASP D 48 5.37 6.51 13.26
N ILE D 49 4.93 7.10 12.15
CA ILE D 49 4.96 6.43 10.86
C ILE D 49 6.38 6.16 10.42
N GLU D 50 7.27 7.14 10.58
CA GLU D 50 8.65 7.00 10.13
C GLU D 50 9.34 5.82 10.80
N LEU D 51 9.11 5.64 12.09
CA LEU D 51 9.71 4.50 12.79
C LEU D 51 9.20 3.17 12.25
N VAL D 52 7.90 3.11 11.94
CA VAL D 52 7.34 1.86 11.41
C VAL D 52 7.97 1.51 10.07
N ILE D 53 8.09 2.51 9.18
CA ILE D 53 8.73 2.30 7.90
C ILE D 53 10.17 1.81 8.09
N SER D 54 10.93 2.51 8.93
CA SER D 54 12.33 2.15 9.12
C SER D 54 12.46 0.74 9.72
N LEU D 55 11.67 0.43 10.77
CA LEU D 55 11.82 -0.88 11.41
C LEU D 55 11.29 -2.01 10.53
N LEU D 56 10.21 -1.78 9.78
CA LEU D 56 9.70 -2.82 8.89
C LEU D 56 10.72 -3.19 7.84
N ASN D 57 11.36 -2.18 7.26
CA ASN D 57 12.40 -2.44 6.28
C ASN D 57 13.62 -3.12 6.93
N LEU D 58 14.02 -2.68 8.12
CA LEU D 58 15.14 -3.33 8.79
C LEU D 58 14.82 -4.76 9.15
N LEU D 59 13.57 -5.04 9.55
CA LEU D 59 13.20 -6.41 9.89
C LEU D 59 13.22 -7.32 8.68
N ALA D 60 12.70 -6.83 7.54
CA ALA D 60 12.70 -7.62 6.32
C ALA D 60 14.13 -7.90 5.84
N ASP D 61 15.01 -6.88 5.92
CA ASP D 61 16.43 -7.08 5.59
C ASP D 61 17.05 -8.18 6.45
N VAL D 62 16.75 -8.19 7.75
CA VAL D 62 17.30 -9.23 8.61
C VAL D 62 16.61 -10.57 8.34
N ALA D 63 15.28 -10.57 8.26
CA ALA D 63 14.54 -11.81 8.05
C ALA D 63 14.95 -12.51 6.77
N GLN D 64 15.35 -11.75 5.74
CA GLN D 64 15.83 -12.35 4.51
C GLN D 64 17.06 -13.21 4.74
N LEU D 65 17.89 -12.88 5.72
CA LEU D 65 19.12 -13.62 5.92
C LEU D 65 18.99 -14.75 6.95
N VAL D 66 17.95 -14.76 7.77
CA VAL D 66 17.84 -15.72 8.86
C VAL D 66 16.70 -16.72 8.66
N GLY D 67 15.62 -16.33 7.98
CA GLY D 67 14.47 -17.23 7.88
C GLY D 67 13.99 -17.65 9.27
N GLY D 68 13.24 -18.76 9.29
CA GLY D 68 12.81 -19.32 10.56
C GLY D 68 11.93 -18.35 11.32
N GLU D 69 12.09 -18.33 12.64
CA GLU D 69 11.27 -17.46 13.49
C GLU D 69 11.38 -15.99 13.09
N ALA D 70 12.47 -15.59 12.44
CA ALA D 70 12.55 -14.23 11.90
C ALA D 70 11.40 -13.95 10.95
N LEU D 71 11.02 -14.94 10.12
CA LEU D 71 9.90 -14.74 9.19
C LEU D 71 8.56 -14.63 9.91
N GLU D 72 8.41 -15.31 11.04
CA GLU D 72 7.17 -15.19 11.81
C GLU D 72 7.06 -13.82 12.46
N ILE D 73 8.16 -13.30 12.97
CA ILE D 73 8.16 -11.95 13.50
C ILE D 73 7.86 -10.93 12.41
N LEU D 74 8.45 -11.11 11.22
CA LEU D 74 8.15 -10.24 10.10
C LEU D 74 6.66 -10.25 9.78
N LYS D 75 6.02 -11.43 9.84
CA LYS D 75 4.60 -11.54 9.55
C LYS D 75 3.78 -10.68 10.49
N LYS D 76 4.09 -10.74 11.79
CA LYS D 76 3.40 -9.91 12.77
C LYS D 76 3.65 -8.44 12.51
N ALA D 77 4.89 -8.08 12.19
CA ALA D 77 5.20 -6.67 11.93
C ALA D 77 4.44 -6.20 10.69
N THR D 78 4.31 -7.07 9.70
CA THR D 78 3.60 -6.70 8.48
C THR D 78 2.13 -6.47 8.75
N GLU D 79 1.51 -7.31 9.58
CA GLU D 79 0.09 -7.11 9.88
C GLU D 79 -0.11 -5.80 10.62
N LEU D 80 0.80 -5.45 11.53
CA LEU D 80 0.70 -4.19 12.24
C LEU D 80 0.86 -3.00 11.31
N ALA D 81 1.80 -3.09 10.36
CA ALA D 81 2.02 -1.99 9.44
C ALA D 81 0.82 -1.81 8.50
N LYS D 82 0.18 -2.92 8.10
CA LYS D 82 -1.05 -2.81 7.31
C LYS D 82 -2.15 -2.13 8.10
N GLU D 83 -2.31 -2.51 9.37
CA GLU D 83 -3.29 -1.88 10.24
C GLU D 83 -3.03 -0.38 10.35
N LEU D 84 -1.76 -0.01 10.54
CA LEU D 84 -1.43 1.40 10.61
C LEU D 84 -1.80 2.13 9.32
N LEU D 85 -1.50 1.51 8.16
CA LEU D 85 -1.81 2.16 6.89
C LEU D 85 -3.32 2.42 6.75
N GLU D 86 -4.14 1.49 7.23
CA GLU D 86 -5.59 1.62 7.06
C GLU D 86 -6.22 2.47 8.15
N GLU D 87 -5.67 2.46 9.37
CA GLU D 87 -6.30 3.13 10.49
C GLU D 87 -5.81 4.56 10.71
N SER D 88 -4.52 4.82 10.53
CA SER D 88 -3.96 6.11 10.91
C SER D 88 -4.53 7.24 10.06
N ASP D 89 -4.34 8.46 10.55
CA ASP D 89 -4.89 9.64 9.88
C ASP D 89 -3.89 10.77 9.62
N GLU D 90 -2.79 10.84 10.37
CA GLU D 90 -1.81 11.89 10.13
C GLU D 90 -0.64 11.42 9.27
N ILE D 91 -0.82 10.34 8.51
CA ILE D 91 0.24 9.85 7.63
C ILE D 91 0.25 10.69 6.37
N SER D 92 1.43 11.19 6.00
CA SER D 92 1.53 12.00 4.80
C SER D 92 1.49 11.11 3.55
N GLU D 93 1.26 11.76 2.40
CA GLU D 93 1.34 11.08 1.11
C GLU D 93 2.69 10.43 0.91
N LYS D 94 3.77 11.13 1.27
CA LYS D 94 5.10 10.56 1.02
C LYS D 94 5.39 9.43 1.99
N GLU D 95 4.95 9.57 3.23
CA GLU D 95 5.04 8.46 4.17
C GLU D 95 4.26 7.25 3.67
N ARG D 96 3.08 7.49 3.08
CA ARG D 96 2.24 6.39 2.62
C ARG D 96 2.92 5.57 1.54
N VAL D 97 3.55 6.24 0.56
CA VAL D 97 4.14 5.48 -0.53
C VAL D 97 5.37 4.71 -0.05
N GLN D 98 6.12 5.26 0.93
CA GLN D 98 7.20 4.49 1.54
C GLN D 98 6.67 3.28 2.28
N LEU D 99 5.59 3.45 3.04
CA LEU D 99 5.06 2.35 3.83
C LEU D 99 4.51 1.24 2.93
N LYS D 100 3.82 1.62 1.86
CA LYS D 100 3.32 0.62 0.91
C LYS D 100 4.46 -0.18 0.29
N THR D 101 5.57 0.50 -0.03
CA THR D 101 6.68 -0.20 -0.69
C THR D 101 7.40 -1.10 0.31
N ALA D 102 7.55 -0.64 1.55
CA ALA D 102 8.11 -1.50 2.58
C ALA D 102 7.20 -2.70 2.84
N LEU D 103 5.89 -2.48 2.81
CA LEU D 103 4.96 -3.60 2.95
C LEU D 103 5.13 -4.57 1.79
N SER D 104 5.32 -4.04 0.57
CA SER D 104 5.54 -4.91 -0.57
C SER D 104 6.78 -5.77 -0.37
N GLN D 105 7.87 -5.17 0.10
CA GLN D 105 9.09 -5.94 0.36
C GLN D 105 8.82 -7.07 1.34
N ALA D 106 8.20 -6.75 2.48
CA ALA D 106 7.91 -7.73 3.51
C ALA D 106 7.01 -8.85 2.99
N GLU D 107 5.96 -8.48 2.25
CA GLU D 107 4.99 -9.47 1.81
C GLU D 107 5.59 -10.41 0.75
N VAL D 108 6.47 -9.89 -0.10
CA VAL D 108 7.13 -10.73 -1.08
C VAL D 108 8.05 -11.72 -0.38
N LEU D 109 8.84 -11.24 0.59
CA LEU D 109 9.74 -12.11 1.34
C LEU D 109 8.94 -13.20 2.07
N ILE D 110 7.81 -12.83 2.66
CA ILE D 110 7.01 -13.84 3.36
C ILE D 110 6.54 -14.95 2.42
N ASP D 111 6.35 -14.64 1.13
CA ASP D 111 5.94 -15.61 0.13
C ASP D 111 7.10 -16.31 -0.57
N LYS D 112 8.34 -15.86 -0.39
CA LYS D 112 9.47 -16.39 -1.17
C LYS D 112 9.86 -17.80 -0.74
N GLY E 23 34.73 -5.51 -12.49
CA GLY E 23 34.88 -4.42 -13.44
C GLY E 23 34.70 -3.07 -12.79
N THR E 24 34.49 -2.05 -13.63
CA THR E 24 34.30 -0.69 -13.12
C THR E 24 33.16 -0.60 -12.11
N THR E 25 32.21 -1.52 -12.15
CA THR E 25 31.07 -1.48 -11.23
C THR E 25 31.52 -1.78 -9.80
N GLU E 26 32.15 -2.94 -9.61
CA GLU E 26 32.55 -3.34 -8.26
C GLU E 26 33.52 -2.33 -7.66
N GLU E 27 34.42 -1.79 -8.48
CA GLU E 27 35.42 -0.86 -7.96
C GLU E 27 34.76 0.44 -7.47
N GLU E 28 33.87 1.02 -8.29
CA GLU E 28 33.12 2.20 -7.86
C GLU E 28 32.31 1.90 -6.60
N VAL E 29 31.73 0.70 -6.52
CA VAL E 29 30.95 0.30 -5.36
C VAL E 29 31.81 0.32 -4.10
N VAL E 30 32.93 -0.40 -4.12
CA VAL E 30 33.76 -0.46 -2.92
C VAL E 30 34.36 0.92 -2.65
N LYS E 31 34.64 1.70 -3.69
CA LYS E 31 35.08 3.07 -3.47
C LYS E 31 34.01 3.87 -2.74
N ASN E 32 32.75 3.77 -3.18
CA ASN E 32 31.67 4.46 -2.49
C ASN E 32 31.54 3.96 -1.06
N MET E 33 31.69 2.66 -0.84
CA MET E 33 31.53 2.12 0.50
C MET E 33 32.60 2.66 1.44
N LYS E 34 33.79 2.91 0.90
CA LYS E 34 34.88 3.42 1.72
C LYS E 34 34.61 4.85 2.16
N GLU E 35 33.99 5.65 1.29
CA GLU E 35 33.61 6.99 1.68
C GLU E 35 32.56 6.96 2.79
N SER E 36 31.57 6.07 2.66
CA SER E 36 30.55 5.93 3.70
C SER E 36 31.17 5.56 5.04
N LEU E 37 32.16 4.67 5.02
CA LEU E 37 32.86 4.32 6.24
C LEU E 37 33.39 5.55 6.95
N GLU E 38 33.92 6.52 6.19
CA GLU E 38 34.43 7.75 6.81
C GLU E 38 33.29 8.59 7.37
N PHE E 39 32.14 8.61 6.69
CA PHE E 39 31.01 9.39 7.21
C PHE E 39 30.41 8.74 8.46
N ILE E 40 30.42 7.42 8.55
CA ILE E 40 29.93 6.80 9.78
C ILE E 40 30.80 7.20 10.97
N GLU E 41 32.10 7.38 10.74
CA GLU E 41 32.99 7.74 11.84
C GLU E 41 32.70 9.14 12.35
N ARG E 42 32.64 10.12 11.45
CA ARG E 42 32.23 11.46 11.84
C ARG E 42 30.86 11.44 12.52
N ALA E 43 29.91 10.71 11.94
CA ALA E 43 28.56 10.68 12.49
C ALA E 43 28.58 10.20 13.94
N LYS E 44 29.30 9.11 14.18
CA LYS E 44 29.46 8.58 15.53
C LYS E 44 29.97 9.64 16.51
N GLU E 45 30.69 10.66 16.03
CA GLU E 45 31.23 11.68 16.93
C GLU E 45 30.38 12.93 17.05
N GLU E 46 29.53 13.21 16.06
CA GLU E 46 28.56 14.29 16.20
C GLU E 46 27.25 13.84 16.85
N GLY E 47 27.06 12.54 17.04
CA GLY E 47 25.77 12.05 17.49
C GLY E 47 24.73 11.92 16.42
N ASP E 48 25.13 11.79 15.15
CA ASP E 48 24.19 11.61 14.04
C ASP E 48 23.85 10.12 13.92
N ILE E 49 23.13 9.63 14.94
CA ILE E 49 22.83 8.21 15.01
C ILE E 49 21.94 7.78 13.85
N GLU E 50 21.02 8.66 13.43
CA GLU E 50 20.19 8.37 12.28
C GLU E 50 21.03 8.09 11.04
N LEU E 51 22.09 8.89 10.82
CA LEU E 51 22.97 8.67 9.67
C LEU E 51 23.70 7.36 9.79
N VAL E 52 24.16 7.01 11.00
CA VAL E 52 24.82 5.72 11.20
C VAL E 52 23.87 4.57 10.86
N ILE E 53 22.65 4.64 11.37
CA ILE E 53 21.64 3.62 11.05
C ILE E 53 21.45 3.50 9.55
N SER E 54 21.27 4.65 8.87
CA SER E 54 20.98 4.64 7.45
C SER E 54 22.15 4.09 6.65
N LEU E 55 23.37 4.58 6.92
CA LEU E 55 24.53 4.11 6.18
C LEU E 55 24.84 2.64 6.45
N LEU E 56 24.70 2.21 7.71
CA LEU E 56 24.98 0.80 8.01
C LEU E 56 24.01 -0.10 7.28
N ASN E 57 22.73 0.30 7.20
CA ASN E 57 21.78 -0.50 6.46
C ASN E 57 22.07 -0.48 4.96
N LEU E 58 22.43 0.68 4.42
CA LEU E 58 22.77 0.78 3.00
C LEU E 58 24.03 -0.02 2.66
N LEU E 59 25.07 0.08 3.50
CA LEU E 59 26.29 -0.70 3.25
C LEU E 59 26.02 -2.19 3.29
N ALA E 60 25.13 -2.63 4.20
CA ALA E 60 24.78 -4.04 4.28
C ALA E 60 23.99 -4.51 3.06
N ASP E 61 23.06 -3.68 2.58
CA ASP E 61 22.30 -4.01 1.38
C ASP E 61 23.23 -4.20 0.19
N VAL E 62 24.27 -3.37 0.08
CA VAL E 62 25.25 -3.50 -0.98
C VAL E 62 26.14 -4.72 -0.75
N ALA E 63 26.68 -4.86 0.47
CA ALA E 63 27.63 -5.94 0.74
C ALA E 63 27.00 -7.30 0.51
N GLN E 64 25.69 -7.42 0.74
CA GLN E 64 25.01 -8.69 0.52
C GLN E 64 25.11 -9.13 -0.94
N LEU E 65 25.11 -8.19 -1.87
CA LEU E 65 25.13 -8.51 -3.29
C LEU E 65 26.53 -8.61 -3.87
N VAL E 66 27.51 -7.97 -3.24
CA VAL E 66 28.86 -7.89 -3.80
C VAL E 66 29.80 -8.89 -3.15
N GLY E 67 29.74 -9.02 -1.84
CA GLY E 67 30.70 -9.86 -1.14
C GLY E 67 32.10 -9.26 -1.21
N GLY E 68 33.08 -10.13 -0.99
CA GLY E 68 34.46 -9.73 -1.21
C GLY E 68 34.87 -8.57 -0.33
N GLU E 69 35.52 -7.57 -0.93
CA GLU E 69 35.97 -6.43 -0.14
C GLU E 69 34.82 -5.62 0.45
N ALA E 70 33.61 -5.72 -0.13
CA ALA E 70 32.45 -5.09 0.48
C ALA E 70 32.23 -5.58 1.91
N LEU E 71 32.45 -6.87 2.15
CA LEU E 71 32.21 -7.40 3.49
C LEU E 71 33.28 -6.96 4.48
N GLU E 72 34.52 -6.76 4.02
CA GLU E 72 35.56 -6.18 4.87
C GLU E 72 35.17 -4.78 5.31
N ILE E 73 34.65 -3.98 4.39
CA ILE E 73 34.24 -2.63 4.71
C ILE E 73 33.04 -2.65 5.66
N LEU E 74 32.12 -3.59 5.45
CA LEU E 74 30.97 -3.72 6.33
C LEU E 74 31.40 -4.12 7.74
N LYS E 75 32.35 -5.04 7.84
CA LYS E 75 32.89 -5.40 9.16
C LYS E 75 33.38 -4.17 9.92
N LYS E 76 34.07 -3.26 9.22
CA LYS E 76 34.57 -2.06 9.89
C LYS E 76 33.44 -1.14 10.29
N ALA E 77 32.45 -0.95 9.41
CA ALA E 77 31.31 -0.11 9.77
C ALA E 77 30.53 -0.70 10.93
N THR E 78 30.47 -2.03 11.03
CA THR E 78 29.82 -2.68 12.15
C THR E 78 30.55 -2.38 13.45
N GLU E 79 31.89 -2.48 13.44
CA GLU E 79 32.67 -2.13 14.62
C GLU E 79 32.45 -0.67 15.04
N LEU E 80 32.44 0.26 14.08
CA LEU E 80 32.13 1.66 14.39
C LEU E 80 30.75 1.81 15.02
N ALA E 81 29.75 1.12 14.48
CA ALA E 81 28.39 1.24 15.00
C ALA E 81 28.25 0.58 16.36
N LYS E 82 29.01 -0.49 16.60
CA LYS E 82 28.92 -1.19 17.88
C LYS E 82 29.39 -0.31 19.03
N GLU E 83 30.46 0.46 18.81
CA GLU E 83 30.93 1.37 19.86
C GLU E 83 29.87 2.40 20.19
N LEU E 84 29.38 3.09 19.16
CA LEU E 84 28.38 4.14 19.34
C LEU E 84 27.20 3.65 20.17
N LEU E 85 26.90 2.36 20.10
CA LEU E 85 25.79 1.79 20.86
C LEU E 85 25.84 2.20 22.32
N GLU E 86 27.01 2.06 22.96
CA GLU E 86 27.14 2.33 24.39
C GLU E 86 28.33 3.26 24.65
N GLU E 87 28.42 4.36 23.92
CA GLU E 87 29.50 5.33 24.10
C GLU E 87 29.03 6.62 24.76
N SER E 88 27.96 7.22 24.26
CA SER E 88 27.35 8.39 24.86
C SER E 88 25.85 8.17 24.91
N ASP E 89 25.28 8.31 26.11
CA ASP E 89 23.86 8.02 26.30
C ASP E 89 22.97 9.07 25.64
N GLU E 90 23.47 9.73 24.59
CA GLU E 90 22.61 10.54 23.74
C GLU E 90 21.66 9.70 22.90
N ILE E 91 21.93 8.40 22.76
CA ILE E 91 21.16 7.55 21.87
C ILE E 91 19.82 7.19 22.51
N SER E 92 18.73 7.51 21.83
CA SER E 92 17.40 7.22 22.35
C SER E 92 17.09 5.71 22.25
N GLU E 93 16.03 5.30 22.95
CA GLU E 93 15.57 3.92 22.92
C GLU E 93 15.14 3.51 21.51
N LYS E 94 14.43 4.40 20.81
CA LYS E 94 14.05 4.12 19.42
C LYS E 94 15.27 4.00 18.52
N GLU E 95 16.24 4.90 18.67
CA GLU E 95 17.44 4.84 17.86
C GLU E 95 18.22 3.56 18.13
N ARG E 96 18.23 3.13 19.39
CA ARG E 96 19.00 1.96 19.79
C ARG E 96 18.42 0.68 19.17
N VAL E 97 17.09 0.52 19.20
CA VAL E 97 16.49 -0.67 18.61
C VAL E 97 16.73 -0.71 17.10
N GLN E 98 16.63 0.44 16.43
CA GLN E 98 16.92 0.47 15.00
C GLN E 98 18.37 0.11 14.72
N LEU E 99 19.30 0.66 15.51
CA LEU E 99 20.71 0.38 15.27
C LEU E 99 21.03 -1.10 15.51
N LYS E 100 20.43 -1.68 16.55
CA LYS E 100 20.66 -3.09 16.86
C LYS E 100 20.13 -4.00 15.75
N THR E 101 18.98 -3.63 15.17
CA THR E 101 18.45 -4.41 14.06
C THR E 101 19.34 -4.29 12.83
N ALA E 102 19.76 -3.06 12.50
CA ALA E 102 20.74 -2.88 11.44
C ALA E 102 22.03 -3.64 11.72
N LEU E 103 22.53 -3.58 12.97
CA LEU E 103 23.73 -4.32 13.32
C LEU E 103 23.54 -5.82 13.09
N SER E 104 22.37 -6.36 13.46
CA SER E 104 22.09 -7.77 13.26
C SER E 104 22.18 -8.14 11.79
N GLN E 105 21.60 -7.33 10.91
CA GLN E 105 21.72 -7.58 9.48
C GLN E 105 23.18 -7.68 9.07
N ALA E 106 23.98 -6.70 9.48
CA ALA E 106 25.39 -6.66 9.09
C ALA E 106 26.15 -7.83 9.70
N GLU E 107 25.84 -8.16 10.95
CA GLU E 107 26.57 -9.22 11.64
C GLU E 107 26.29 -10.60 11.01
N VAL E 108 25.07 -10.82 10.54
CA VAL E 108 24.78 -12.07 9.83
C VAL E 108 25.58 -12.15 8.54
N LEU E 109 25.64 -11.05 7.78
CA LEU E 109 26.41 -11.04 6.53
C LEU E 109 27.88 -11.31 6.76
N ILE E 110 28.45 -10.72 7.81
CA ILE E 110 29.82 -10.96 8.21
C ILE E 110 30.01 -12.43 8.56
N GLU F 26 -11.15 -16.50 5.39
CA GLU F 26 -12.14 -16.52 6.47
C GLU F 26 -11.53 -15.94 7.74
N GLU F 27 -10.24 -16.21 7.93
CA GLU F 27 -9.52 -15.69 9.07
C GLU F 27 -9.63 -14.16 9.14
N GLU F 28 -9.44 -13.48 8.01
CA GLU F 28 -9.50 -12.03 8.01
C GLU F 28 -10.93 -11.52 8.19
N VAL F 29 -11.90 -12.19 7.55
CA VAL F 29 -13.29 -11.76 7.67
C VAL F 29 -13.75 -11.83 9.11
N VAL F 30 -13.46 -12.94 9.79
CA VAL F 30 -13.98 -13.10 11.14
C VAL F 30 -13.41 -12.04 12.08
N LYS F 31 -12.19 -11.56 11.81
CA LYS F 31 -11.62 -10.51 12.66
C LYS F 31 -12.27 -9.16 12.38
N ASN F 32 -12.56 -8.87 11.11
CA ASN F 32 -13.33 -7.67 10.78
C ASN F 32 -14.66 -7.65 11.54
N MET F 33 -15.31 -8.82 11.66
CA MET F 33 -16.60 -8.85 12.32
C MET F 33 -16.48 -8.60 13.82
N LYS F 34 -15.42 -9.13 14.46
CA LYS F 34 -15.22 -8.85 15.89
C LYS F 34 -15.12 -7.36 16.13
N GLU F 35 -14.36 -6.65 15.29
CA GLU F 35 -14.21 -5.21 15.49
C GLU F 35 -15.55 -4.50 15.32
N SER F 36 -16.34 -4.91 14.33
CA SER F 36 -17.68 -4.35 14.18
C SER F 36 -18.54 -4.63 15.41
N LEU F 37 -18.42 -5.84 15.97
CA LEU F 37 -19.08 -6.11 17.24
C LEU F 37 -18.62 -5.14 18.32
N GLU F 38 -17.30 -4.93 18.43
CA GLU F 38 -16.78 -3.96 19.38
C GLU F 38 -17.39 -2.59 19.15
N PHE F 39 -17.51 -2.17 17.89
CA PHE F 39 -18.05 -0.84 17.61
C PHE F 39 -19.55 -0.77 17.89
N ILE F 40 -20.24 -1.91 17.83
CA ILE F 40 -21.64 -1.94 18.23
C ILE F 40 -21.76 -1.87 19.75
N GLU F 41 -20.88 -2.57 20.46
CA GLU F 41 -20.81 -2.43 21.90
C GLU F 41 -20.72 -0.96 22.31
N ARG F 42 -19.84 -0.21 21.65
CA ARG F 42 -19.60 1.16 22.06
C ARG F 42 -20.72 2.09 21.61
N ALA F 43 -21.19 1.94 20.37
CA ALA F 43 -22.30 2.77 19.88
C ALA F 43 -23.54 2.63 20.76
N LYS F 44 -23.75 1.45 21.34
CA LYS F 44 -24.91 1.24 22.22
C LYS F 44 -24.85 2.15 23.43
N GLU F 45 -23.69 2.26 24.06
CA GLU F 45 -23.56 3.14 25.23
C GLU F 45 -23.40 4.60 24.84
N GLU F 46 -22.92 4.89 23.64
CA GLU F 46 -22.91 6.27 23.15
C GLU F 46 -24.24 6.72 22.56
N GLY F 47 -25.15 5.79 22.30
CA GLY F 47 -26.40 6.13 21.66
C GLY F 47 -26.28 6.39 20.17
N ASP F 48 -25.27 5.81 19.51
CA ASP F 48 -25.10 5.98 18.07
C ASP F 48 -25.96 4.93 17.36
N ILE F 49 -27.26 5.22 17.29
CA ILE F 49 -28.21 4.26 16.73
C ILE F 49 -27.91 4.00 15.25
N GLU F 50 -27.59 5.05 14.49
CA GLU F 50 -27.33 4.85 13.06
C GLU F 50 -26.22 3.84 12.82
N LEU F 51 -25.14 3.93 13.59
CA LEU F 51 -24.02 3.00 13.39
C LEU F 51 -24.42 1.58 13.75
N VAL F 52 -25.30 1.40 14.75
CA VAL F 52 -25.74 0.06 15.11
C VAL F 52 -26.52 -0.56 13.95
N ILE F 53 -27.49 0.19 13.41
CA ILE F 53 -28.28 -0.30 12.27
C ILE F 53 -27.38 -0.68 11.12
N SER F 54 -26.41 0.18 10.79
CA SER F 54 -25.54 -0.08 9.64
C SER F 54 -24.68 -1.31 9.90
N LEU F 55 -23.98 -1.34 11.04
CA LEU F 55 -23.12 -2.48 11.32
C LEU F 55 -23.93 -3.76 11.47
N LEU F 56 -25.08 -3.72 12.15
CA LEU F 56 -25.88 -4.94 12.24
C LEU F 56 -26.21 -5.47 10.85
N ASN F 57 -26.66 -4.58 9.96
CA ASN F 57 -27.04 -5.02 8.62
C ASN F 57 -25.83 -5.55 7.85
N LEU F 58 -24.69 -4.87 7.96
CA LEU F 58 -23.49 -5.35 7.27
C LEU F 58 -23.04 -6.70 7.81
N LEU F 59 -23.06 -6.86 9.14
CA LEU F 59 -22.66 -8.14 9.73
C LEU F 59 -23.57 -9.26 9.26
N ALA F 60 -24.88 -8.99 9.18
CA ALA F 60 -25.82 -10.01 8.70
C ALA F 60 -25.55 -10.36 7.25
N ASP F 61 -25.17 -9.38 6.43
CA ASP F 61 -24.81 -9.66 5.05
C ASP F 61 -23.59 -10.56 4.99
N VAL F 62 -22.63 -10.34 5.89
CA VAL F 62 -21.42 -11.16 5.90
C VAL F 62 -21.73 -12.54 6.46
N ALA F 63 -22.43 -12.58 7.60
CA ALA F 63 -22.72 -13.86 8.22
C ALA F 63 -23.53 -14.75 7.31
N GLN F 64 -24.43 -14.16 6.51
CA GLN F 64 -25.25 -14.94 5.60
C GLN F 64 -24.41 -15.71 4.60
N LEU F 65 -23.28 -15.15 4.17
CA LEU F 65 -22.42 -15.82 3.20
C LEU F 65 -21.44 -16.78 3.85
N VAL F 66 -21.01 -16.49 5.07
CA VAL F 66 -19.97 -17.24 5.73
C VAL F 66 -20.55 -18.27 6.70
N GLY F 67 -21.55 -17.88 7.49
CA GLY F 67 -22.07 -18.80 8.48
C GLY F 67 -21.03 -19.11 9.55
N GLY F 68 -21.25 -20.23 10.22
CA GLY F 68 -20.34 -20.72 11.25
C GLY F 68 -20.00 -19.68 12.29
N GLU F 69 -18.72 -19.34 12.40
CA GLU F 69 -18.29 -18.41 13.43
C GLU F 69 -18.88 -17.03 13.22
N ALA F 70 -19.22 -16.68 11.99
CA ALA F 70 -19.84 -15.38 11.73
C ALA F 70 -21.20 -15.28 12.39
N LEU F 71 -21.95 -16.40 12.42
CA LEU F 71 -23.28 -16.38 13.02
C LEU F 71 -23.21 -16.16 14.52
N GLU F 72 -22.16 -16.67 15.17
CA GLU F 72 -22.02 -16.47 16.60
C GLU F 72 -21.76 -15.00 16.91
N ILE F 73 -20.93 -14.35 16.11
CA ILE F 73 -20.73 -12.91 16.24
C ILE F 73 -22.03 -12.17 15.96
N LEU F 74 -22.73 -12.57 14.90
CA LEU F 74 -24.01 -11.92 14.58
C LEU F 74 -24.98 -12.03 15.75
N LYS F 75 -25.09 -13.22 16.33
CA LYS F 75 -25.94 -13.43 17.49
C LYS F 75 -25.60 -12.47 18.63
N LYS F 76 -24.30 -12.27 18.87
CA LYS F 76 -23.88 -11.32 19.90
C LYS F 76 -24.28 -9.90 19.52
N ALA F 77 -24.02 -9.50 18.28
CA ALA F 77 -24.49 -8.20 17.79
C ALA F 77 -26.01 -8.06 17.95
N THR F 78 -26.75 -9.16 17.71
CA THR F 78 -28.21 -9.13 17.77
C THR F 78 -28.71 -8.89 19.19
N GLU F 79 -28.06 -9.52 20.18
CA GLU F 79 -28.41 -9.32 21.58
C GLU F 79 -28.24 -7.87 21.98
N LEU F 80 -27.12 -7.24 21.58
CA LEU F 80 -26.89 -5.83 21.88
C LEU F 80 -27.90 -4.94 21.17
N ALA F 81 -28.20 -5.23 19.90
CA ALA F 81 -29.16 -4.41 19.18
C ALA F 81 -30.56 -4.54 19.79
N LYS F 82 -30.89 -5.71 20.32
CA LYS F 82 -32.18 -5.92 20.98
C LYS F 82 -32.28 -5.13 22.27
N GLU F 83 -31.26 -5.21 23.12
CA GLU F 83 -31.23 -4.40 24.34
C GLU F 83 -31.33 -2.93 24.01
N LEU F 84 -30.59 -2.48 22.99
CA LEU F 84 -30.73 -1.12 22.52
C LEU F 84 -32.18 -0.80 22.17
N LEU F 85 -32.82 -1.67 21.38
CA LEU F 85 -34.19 -1.43 20.95
C LEU F 85 -35.14 -1.31 22.15
N GLU F 86 -34.89 -2.09 23.20
CA GLU F 86 -35.83 -2.11 24.31
C GLU F 86 -35.53 -1.06 25.38
N GLU F 87 -34.26 -0.73 25.59
CA GLU F 87 -33.89 0.19 26.66
C GLU F 87 -33.76 1.63 26.20
N SER F 88 -33.33 1.86 24.96
CA SER F 88 -32.90 3.18 24.57
C SER F 88 -34.10 4.09 24.32
N ASP F 89 -34.11 5.24 24.98
CA ASP F 89 -35.00 6.32 24.60
C ASP F 89 -34.41 7.19 23.52
N GLU F 90 -33.21 6.87 23.05
CA GLU F 90 -32.51 7.67 22.05
C GLU F 90 -32.84 7.27 20.61
N ILE F 91 -33.96 6.56 20.39
CA ILE F 91 -34.27 5.99 19.08
C ILE F 91 -35.43 6.75 18.44
N SER F 92 -35.18 7.36 17.29
CA SER F 92 -36.27 7.95 16.54
C SER F 92 -37.18 6.86 15.99
N GLU F 93 -38.36 7.27 15.54
CA GLU F 93 -39.29 6.33 14.93
C GLU F 93 -38.72 5.77 13.63
N LYS F 94 -38.02 6.59 12.84
CA LYS F 94 -37.41 6.07 11.62
C LYS F 94 -36.28 5.11 11.96
N GLU F 95 -35.47 5.44 12.96
CA GLU F 95 -34.42 4.54 13.42
C GLU F 95 -35.01 3.25 13.97
N ARG F 96 -36.16 3.34 14.65
CA ARG F 96 -36.79 2.15 15.21
C ARG F 96 -37.20 1.18 14.10
N VAL F 97 -37.86 1.68 13.06
CA VAL F 97 -38.32 0.77 12.02
C VAL F 97 -37.16 0.19 11.22
N GLN F 98 -36.08 0.95 11.03
CA GLN F 98 -34.89 0.40 10.37
C GLN F 98 -34.23 -0.66 11.23
N LEU F 99 -34.01 -0.36 12.52
CA LEU F 99 -33.34 -1.32 13.39
C LEU F 99 -34.12 -2.61 13.49
N LYS F 100 -35.45 -2.51 13.59
CA LYS F 100 -36.28 -3.71 13.67
C LYS F 100 -36.20 -4.54 12.39
N THR F 101 -36.14 -3.90 11.23
CA THR F 101 -36.02 -4.69 10.01
C THR F 101 -34.67 -5.40 9.94
N ALA F 102 -33.58 -4.67 10.24
CA ALA F 102 -32.27 -5.31 10.28
C ALA F 102 -32.21 -6.41 11.34
N LEU F 103 -32.85 -6.18 12.49
CA LEU F 103 -32.90 -7.22 13.50
C LEU F 103 -33.60 -8.47 12.96
N SER F 104 -34.63 -8.27 12.14
CA SER F 104 -35.37 -9.39 11.58
C SER F 104 -34.51 -10.22 10.64
N GLN F 105 -33.66 -9.55 9.85
CA GLN F 105 -32.73 -10.29 8.99
C GLN F 105 -31.75 -11.12 9.81
N ALA F 106 -31.22 -10.56 10.90
CA ALA F 106 -30.26 -11.27 11.73
C ALA F 106 -30.89 -12.44 12.46
N GLU F 107 -32.12 -12.25 12.95
CA GLU F 107 -32.80 -13.28 13.72
C GLU F 107 -33.18 -14.48 12.85
N VAL F 108 -33.58 -14.22 11.61
CA VAL F 108 -33.84 -15.32 10.68
C VAL F 108 -32.56 -16.11 10.42
N LEU F 109 -31.44 -15.41 10.23
CA LEU F 109 -30.17 -16.08 9.98
C LEU F 109 -29.77 -16.95 11.16
N ILE F 110 -29.89 -16.39 12.37
CA ILE F 110 -29.41 -17.08 13.57
C ILE F 110 -30.28 -18.31 13.86
N ASP F 111 -31.60 -18.19 13.64
CA ASP F 111 -32.51 -19.28 13.97
C ASP F 111 -32.31 -20.50 13.08
N LYS F 112 -31.64 -20.36 11.93
CA LYS F 112 -31.42 -21.49 11.03
C LYS F 112 -30.21 -22.32 11.47
#